data_5T8R
#
_entry.id   5T8R
#
_cell.length_a   72.607
_cell.length_b   72.607
_cell.length_c   99.431
_cell.angle_alpha   90.000
_cell.angle_beta   90.000
_cell.angle_gamma   90.000
#
_symmetry.space_group_name_H-M   'P 43 21 2'
#
loop_
_entity.id
_entity.type
_entity.pdbx_description
1 polymer 'Bromodomain adjacent to zinc finger domain protein 2A'
2 polymer 'Histone H3.1'
3 non-polymer 'ZINC ION'
4 non-polymer 'PHOSPHATE ION'
5 non-polymer GLYCEROL
6 water water
#
loop_
_entity_poly.entity_id
_entity_poly.type
_entity_poly.pdbx_seq_one_letter_code
_entity_poly.pdbx_strand_id
1 'polypeptide(L)' HMSVNKVTCLVCRKGDNDEFLLLCDGCDRGCHIYCHRPKMEAVPEGDWFCTVCLAQQV A,B,C,D
2 'polypeptide(L)' ARTKQTARKS E,G
#
loop_
_chem_comp.id
_chem_comp.type
_chem_comp.name
_chem_comp.formula
GOL non-polymer GLYCEROL 'C3 H8 O3'
PO4 non-polymer 'PHOSPHATE ION' 'O4 P -3'
ZN non-polymer 'ZINC ION' 'Zn 2'
#
# COMPACT_ATOMS: atom_id res chain seq x y z
N ASN A 5 0.56 -19.18 -17.31
CA ASN A 5 1.86 -18.81 -17.94
C ASN A 5 3.05 -18.98 -16.98
N LYS A 6 4.26 -18.88 -17.54
CA LYS A 6 5.50 -19.11 -16.80
C LYS A 6 6.00 -17.83 -16.10
N VAL A 7 5.62 -17.69 -14.82
CA VAL A 7 6.18 -16.70 -13.92
C VAL A 7 7.58 -17.17 -13.51
N THR A 8 8.45 -16.23 -13.14
CA THR A 8 9.76 -16.58 -12.59
C THR A 8 10.02 -15.90 -11.25
N CYS A 9 10.97 -16.48 -10.51
CA CYS A 9 11.39 -15.96 -9.21
C CYS A 9 12.26 -14.69 -9.32
N LEU A 10 11.93 -13.67 -8.54
CA LEU A 10 12.73 -12.43 -8.50
C LEU A 10 14.18 -12.62 -8.06
N VAL A 11 14.45 -13.61 -7.24
CA VAL A 11 15.76 -13.87 -6.67
C VAL A 11 16.68 -14.68 -7.59
N CYS A 12 16.22 -15.86 -8.00
CA CYS A 12 17.02 -16.80 -8.77
C CYS A 12 16.68 -16.81 -10.27
N ARG A 13 15.54 -16.21 -10.64
CA ARG A 13 15.14 -16.07 -12.07
C ARG A 13 14.73 -17.38 -12.78
N LYS A 14 14.64 -18.49 -12.04
CA LYS A 14 14.15 -19.75 -12.59
C LYS A 14 12.63 -19.87 -12.31
N GLY A 15 11.94 -20.53 -13.21
CA GLY A 15 10.50 -20.80 -13.08
C GLY A 15 10.16 -22.23 -12.64
N ASP A 16 11.15 -22.96 -12.13
CA ASP A 16 10.95 -24.36 -11.70
C ASP A 16 10.37 -24.43 -10.28
N ASN A 17 10.00 -25.64 -9.86
CA ASN A 17 9.40 -25.90 -8.56
C ASN A 17 8.19 -25.03 -8.27
N ASP A 18 7.21 -25.15 -9.17
CA ASP A 18 5.93 -24.42 -9.12
C ASP A 18 5.29 -24.43 -7.74
N GLU A 19 5.41 -25.56 -7.04
CA GLU A 19 4.78 -25.78 -5.74
C GLU A 19 5.29 -24.85 -4.66
N PHE A 20 6.53 -24.41 -4.80
CA PHE A 20 7.15 -23.47 -3.86
C PHE A 20 7.17 -22.02 -4.37
N LEU A 21 6.57 -21.73 -5.52
CA LEU A 21 6.81 -20.47 -6.21
C LEU A 21 5.64 -19.53 -5.92
N LEU A 22 5.82 -18.69 -4.90
CA LEU A 22 4.82 -17.70 -4.51
C LEU A 22 4.53 -16.70 -5.62
N LEU A 23 3.25 -16.38 -5.81
CA LEU A 23 2.84 -15.29 -6.70
C LEU A 23 2.48 -14.05 -5.86
N CYS A 24 2.84 -12.88 -6.38
CA CYS A 24 2.52 -11.63 -5.73
C CYS A 24 1.05 -11.39 -5.92
N ASP A 25 0.36 -11.02 -4.86
CA ASP A 25 -1.07 -10.68 -4.96
C ASP A 25 -1.34 -9.35 -5.70
N GLY A 26 -0.32 -8.50 -5.86
CA GLY A 26 -0.46 -7.21 -6.51
C GLY A 26 0.11 -7.09 -7.93
N CYS A 27 0.91 -8.05 -8.38
CA CYS A 27 1.44 -8.01 -9.76
C CYS A 27 1.71 -9.43 -10.28
N ASP A 28 2.36 -9.53 -11.43
CA ASP A 28 2.68 -10.82 -12.05
C ASP A 28 4.10 -11.36 -11.70
N ARG A 29 4.63 -10.97 -10.54
CA ARG A 29 5.98 -11.36 -10.14
C ARG A 29 5.91 -12.50 -9.15
N GLY A 30 7.03 -13.19 -8.96
CA GLY A 30 7.06 -14.39 -8.13
C GLY A 30 8.28 -14.53 -7.28
N CYS A 31 8.21 -15.39 -6.28
CA CYS A 31 9.37 -15.77 -5.49
C CYS A 31 9.23 -17.20 -4.93
N HIS A 32 10.26 -18.03 -5.08
CA HIS A 32 10.33 -19.28 -4.36
C HIS A 32 10.40 -19.02 -2.87
N ILE A 33 9.60 -19.72 -2.07
CA ILE A 33 9.67 -19.56 -0.61
C ILE A 33 11.09 -19.85 -0.07
N TYR A 34 11.80 -20.77 -0.70
CA TYR A 34 13.18 -21.11 -0.31
C TYR A 34 14.22 -20.08 -0.74
N CYS A 35 13.88 -19.17 -1.65
CA CYS A 35 14.76 -18.07 -1.99
C CYS A 35 14.55 -16.81 -1.10
N HIS A 36 13.40 -16.75 -0.42
CA HIS A 36 13.04 -15.62 0.40
C HIS A 36 13.94 -15.56 1.63
N ARG A 37 14.36 -14.34 1.97
CA ARG A 37 15.10 -14.01 3.19
C ARG A 37 14.41 -12.76 3.73
N PRO A 38 13.90 -12.78 4.95
CA PRO A 38 14.00 -13.86 5.91
C PRO A 38 13.28 -15.19 5.56
N LYS A 39 13.65 -16.22 6.32
CA LYS A 39 13.17 -17.58 6.18
C LYS A 39 11.66 -17.63 6.04
N MET A 40 11.18 -18.21 4.93
CA MET A 40 9.79 -18.51 4.74
C MET A 40 9.69 -20.01 4.55
N GLU A 41 9.19 -20.72 5.56
CA GLU A 41 9.06 -22.21 5.55
C GLU A 41 7.76 -22.77 4.92
N ALA A 42 6.82 -21.91 4.58
CA ALA A 42 5.56 -22.36 4.03
C ALA A 42 4.93 -21.24 3.23
N VAL A 43 3.95 -21.61 2.42
CA VAL A 43 3.18 -20.65 1.64
C VAL A 43 2.19 -19.99 2.60
N PRO A 44 2.25 -18.64 2.73
CA PRO A 44 1.31 -17.98 3.65
C PRO A 44 -0.12 -18.07 3.15
N GLU A 45 -1.05 -18.19 4.08
CA GLU A 45 -2.47 -18.26 3.72
C GLU A 45 -3.09 -16.88 3.44
N GLY A 46 -2.50 -15.81 3.96
CA GLY A 46 -3.01 -14.46 3.69
C GLY A 46 -2.41 -13.89 2.43
N ASP A 47 -2.73 -12.63 2.14
CA ASP A 47 -2.19 -11.98 0.96
C ASP A 47 -0.67 -11.81 1.09
N TRP A 48 0.03 -11.81 -0.03
CA TRP A 48 1.46 -11.57 -0.05
C TRP A 48 1.82 -10.65 -1.22
N PHE A 49 2.61 -9.61 -0.91
CA PHE A 49 3.03 -8.62 -1.88
C PHE A 49 4.54 -8.60 -2.07
N CYS A 50 4.98 -8.58 -3.32
CA CYS A 50 6.41 -8.50 -3.60
C CYS A 50 6.99 -7.11 -3.25
N THR A 51 8.30 -7.00 -3.30
CA THR A 51 8.99 -5.77 -2.86
C THR A 51 8.73 -4.57 -3.80
N VAL A 52 8.49 -4.87 -5.07
CA VAL A 52 8.11 -3.84 -6.03
C VAL A 52 6.75 -3.25 -5.68
N CYS A 53 5.82 -4.11 -5.23
CA CYS A 53 4.51 -3.67 -4.74
C CYS A 53 4.55 -2.92 -3.40
N LEU A 54 5.44 -3.35 -2.50
CA LEU A 54 5.70 -2.57 -1.28
C LEU A 54 6.16 -1.13 -1.56
N ALA A 55 7.00 -0.98 -2.59
CA ALA A 55 7.45 0.34 -3.03
C ALA A 55 6.31 1.27 -3.47
N GLN A 56 5.19 0.73 -3.95
CA GLN A 56 4.03 1.55 -4.38
C GLN A 56 3.03 1.87 -3.26
N GLN A 57 3.17 1.23 -2.10
CA GLN A 57 2.25 1.48 -0.97
C GLN A 57 2.50 2.83 -0.34
N VAL A 58 1.53 3.28 0.47
CA VAL A 58 1.67 4.54 1.26
C VAL A 58 1.41 4.30 2.76
N LYS B 6 -15.22 28.85 12.05
CA LYS B 6 -16.31 27.84 12.07
C LYS B 6 -16.00 26.58 11.25
N VAL B 7 -14.75 26.42 10.78
CA VAL B 7 -14.38 25.31 9.87
C VAL B 7 -13.94 24.06 10.62
N THR B 8 -14.70 22.98 10.45
CA THR B 8 -14.44 21.71 11.10
C THR B 8 -13.96 20.66 10.08
N CYS B 9 -13.38 19.60 10.62
CA CYS B 9 -12.92 18.47 9.82
C CYS B 9 -14.07 17.54 9.47
N LEU B 10 -14.24 17.25 8.19
CA LEU B 10 -15.23 16.26 7.74
C LEU B 10 -15.22 14.95 8.53
N VAL B 11 -14.03 14.40 8.76
CA VAL B 11 -13.92 13.10 9.44
C VAL B 11 -14.28 13.23 10.92
N CYS B 12 -13.45 13.92 11.70
CA CYS B 12 -13.59 13.95 13.17
C CYS B 12 -14.50 15.06 13.74
N ARG B 13 -14.88 16.03 12.90
CA ARG B 13 -15.76 17.15 13.27
C ARG B 13 -15.16 18.20 14.21
N LYS B 14 -13.86 18.12 14.49
CA LYS B 14 -13.15 19.10 15.32
C LYS B 14 -12.39 20.10 14.43
N GLY B 15 -12.33 21.35 14.87
CA GLY B 15 -11.63 22.42 14.18
C GLY B 15 -10.28 22.80 14.76
N ASP B 16 -9.77 21.97 15.67
CA ASP B 16 -8.44 22.21 16.27
C ASP B 16 -7.32 21.92 15.27
N ASN B 17 -6.11 22.34 15.63
CA ASN B 17 -4.88 22.12 14.84
C ASN B 17 -5.02 22.55 13.40
N ASP B 18 -5.38 23.81 13.19
CA ASP B 18 -5.70 24.32 11.85
C ASP B 18 -4.50 24.44 10.91
N GLU B 19 -3.29 24.45 11.47
CA GLU B 19 -2.06 24.25 10.68
C GLU B 19 -2.10 22.98 9.81
N PHE B 20 -2.79 21.96 10.33
CA PHE B 20 -2.98 20.64 9.70
C PHE B 20 -4.36 20.42 9.04
N LEU B 21 -5.19 21.47 8.97
CA LEU B 21 -6.56 21.37 8.49
C LEU B 21 -6.61 21.91 7.07
N LEU B 22 -6.42 20.98 6.14
CA LEU B 22 -6.55 21.21 4.71
C LEU B 22 -7.93 21.76 4.38
N LEU B 23 -7.98 22.73 3.47
CA LEU B 23 -9.20 23.46 3.13
C LEU B 23 -9.64 23.17 1.70
N CYS B 24 -10.90 22.77 1.54
CA CYS B 24 -11.44 22.51 0.22
C CYS B 24 -11.44 23.81 -0.55
N ASP B 25 -11.06 23.75 -1.83
CA ASP B 25 -11.05 24.94 -2.69
C ASP B 25 -12.43 25.28 -3.25
N GLY B 26 -13.30 24.28 -3.37
CA GLY B 26 -14.65 24.45 -3.86
C GLY B 26 -15.72 24.91 -2.87
N CYS B 27 -15.46 24.78 -1.57
CA CYS B 27 -16.51 24.99 -0.55
C CYS B 27 -15.89 25.34 0.79
N ASP B 28 -16.73 25.47 1.82
CA ASP B 28 -16.29 25.94 3.14
C ASP B 28 -15.81 24.81 4.10
N ARG B 29 -15.47 23.63 3.56
CA ARG B 29 -15.14 22.45 4.39
C ARG B 29 -13.64 22.16 4.40
N GLY B 30 -13.22 21.34 5.35
CA GLY B 30 -11.82 20.93 5.45
C GLY B 30 -11.61 19.51 5.92
N CYS B 31 -10.32 19.15 6.03
CA CYS B 31 -9.95 17.82 6.48
C CYS B 31 -8.56 17.84 7.06
N HIS B 32 -8.44 17.40 8.32
CA HIS B 32 -7.11 17.19 8.89
C HIS B 32 -6.35 16.22 8.01
N ILE B 33 -5.11 16.56 7.67
CA ILE B 33 -4.27 15.64 6.89
C ILE B 33 -4.10 14.31 7.62
N TYR B 34 -4.09 14.35 8.96
CA TYR B 34 -3.96 13.14 9.78
C TYR B 34 -5.20 12.29 9.85
N CYS B 35 -6.34 12.87 9.52
CA CYS B 35 -7.58 12.13 9.43
C CYS B 35 -7.82 11.55 8.03
N HIS B 36 -7.05 11.98 7.03
CA HIS B 36 -7.21 11.50 5.64
C HIS B 36 -6.74 10.05 5.46
N ARG B 37 -7.56 9.28 4.73
CA ARG B 37 -7.22 7.92 4.29
C ARG B 37 -7.56 7.85 2.80
N PRO B 38 -6.61 7.58 1.90
CA PRO B 38 -5.25 7.13 2.21
C PRO B 38 -4.34 8.19 2.80
N LYS B 39 -3.16 7.74 3.21
CA LYS B 39 -2.27 8.50 4.07
C LYS B 39 -1.82 9.80 3.41
N MET B 40 -1.97 10.91 4.12
CA MET B 40 -1.59 12.21 3.61
C MET B 40 -0.64 12.80 4.63
N GLU B 41 0.63 12.92 4.26
CA GLU B 41 1.68 13.29 5.21
C GLU B 41 2.05 14.78 5.24
N ALA B 42 1.63 15.52 4.23
CA ALA B 42 1.79 16.96 4.18
C ALA B 42 0.55 17.58 3.52
N VAL B 43 0.35 18.88 3.78
CA VAL B 43 -0.73 19.64 3.12
C VAL B 43 -0.27 19.79 1.68
N PRO B 44 -1.09 19.34 0.70
CA PRO B 44 -0.59 19.42 -0.68
C PRO B 44 -0.68 20.84 -1.18
N GLU B 45 0.08 21.14 -2.22
CA GLU B 45 -0.02 22.39 -2.92
C GLU B 45 -1.03 22.28 -4.03
N GLY B 46 -1.35 23.43 -4.61
CA GLY B 46 -2.37 23.50 -5.63
C GLY B 46 -3.75 23.30 -5.03
N ASP B 47 -4.66 22.81 -5.86
CA ASP B 47 -6.07 22.70 -5.52
C ASP B 47 -6.39 21.32 -4.94
N TRP B 48 -7.21 21.32 -3.89
CA TRP B 48 -7.77 20.10 -3.32
C TRP B 48 -9.27 20.28 -3.28
N PHE B 49 -9.99 19.24 -3.69
CA PHE B 49 -11.46 19.21 -3.63
C PHE B 49 -11.94 18.05 -2.76
N CYS B 50 -12.92 18.36 -1.92
CA CYS B 50 -13.46 17.39 -0.97
C CYS B 50 -14.39 16.45 -1.73
N THR B 51 -14.75 15.36 -1.08
CA THR B 51 -15.70 14.38 -1.63
C THR B 51 -17.13 14.87 -1.81
N VAL B 52 -17.55 15.91 -1.08
CA VAL B 52 -18.86 16.54 -1.31
C VAL B 52 -18.84 17.31 -2.62
N CYS B 53 -17.76 18.04 -2.88
CA CYS B 53 -17.57 18.75 -4.16
C CYS B 53 -17.45 17.75 -5.32
N LEU B 54 -16.73 16.65 -5.08
CA LEU B 54 -16.50 15.62 -6.10
C LEU B 54 -17.74 14.79 -6.42
N ALA B 55 -18.67 14.71 -5.48
CA ALA B 55 -19.97 14.07 -5.70
C ALA B 55 -20.76 14.75 -6.83
N GLN B 56 -20.79 16.09 -6.83
CA GLN B 56 -21.36 16.87 -7.93
C GLN B 56 -20.25 17.47 -8.77
N ASN C 5 14.51 -0.96 23.07
CA ASN C 5 14.08 -1.63 21.79
C ASN C 5 15.19 -2.51 21.19
N LYS C 6 16.15 -1.89 20.51
CA LYS C 6 17.29 -2.57 19.88
C LYS C 6 16.80 -3.53 18.79
N VAL C 7 16.30 -2.95 17.71
CA VAL C 7 15.83 -3.72 16.57
C VAL C 7 17.07 -4.36 15.96
N THR C 8 16.97 -5.64 15.62
CA THR C 8 18.06 -6.31 14.93
C THR C 8 17.50 -7.09 13.75
N CYS C 9 18.39 -7.33 12.79
CA CYS C 9 18.05 -7.94 11.52
C CYS C 9 17.90 -9.46 11.66
N LEU C 10 16.80 -10.02 11.13
CA LEU C 10 16.59 -11.47 11.21
C LEU C 10 17.62 -12.24 10.41
N VAL C 11 18.17 -11.62 9.36
CA VAL C 11 19.05 -12.29 8.43
C VAL C 11 20.50 -12.32 8.90
N CYS C 12 21.06 -11.15 9.18
CA CYS C 12 22.46 -11.07 9.61
C CYS C 12 22.63 -10.92 11.12
N ARG C 13 21.54 -10.69 11.85
CA ARG C 13 21.57 -10.54 13.31
C ARG C 13 22.35 -9.32 13.83
N LYS C 14 22.48 -8.28 13.01
CA LYS C 14 23.08 -7.01 13.44
C LYS C 14 22.01 -5.95 13.57
N GLY C 15 22.26 -4.99 14.44
CA GLY C 15 21.38 -3.84 14.62
C GLY C 15 21.97 -2.56 14.07
N ASP C 16 23.06 -2.67 13.31
CA ASP C 16 23.76 -1.48 12.77
C ASP C 16 22.99 -0.87 11.59
N ASN C 17 23.38 0.33 11.19
CA ASN C 17 22.76 1.07 10.08
C ASN C 17 21.21 1.09 10.20
N ASP C 18 20.72 1.53 11.34
CA ASP C 18 19.28 1.40 11.67
C ASP C 18 18.35 2.19 10.73
N GLU C 19 18.90 3.15 10.01
CA GLU C 19 18.15 3.86 8.96
C GLU C 19 17.75 2.92 7.83
N PHE C 20 18.43 1.78 7.67
CA PHE C 20 18.15 0.81 6.60
C PHE C 20 17.45 -0.45 7.12
N LEU C 21 16.98 -0.39 8.36
CA LEU C 21 16.42 -1.52 9.07
C LEU C 21 14.88 -1.42 9.05
N LEU C 22 14.22 -2.36 8.38
CA LEU C 22 12.75 -2.48 8.45
C LEU C 22 12.36 -2.97 9.84
N LEU C 23 11.37 -2.31 10.44
CA LEU C 23 10.74 -2.80 11.66
C LEU C 23 9.37 -3.39 11.28
N CYS C 24 9.17 -4.66 11.59
CA CYS C 24 7.91 -5.34 11.29
C CYS C 24 6.73 -4.64 11.97
N ASP C 25 5.61 -4.54 11.25
CA ASP C 25 4.41 -3.91 11.79
C ASP C 25 3.70 -4.71 12.90
N GLY C 26 3.78 -6.04 12.85
CA GLY C 26 3.08 -6.92 13.77
C GLY C 26 3.87 -7.36 14.99
N CYS C 27 5.17 -7.11 15.00
CA CYS C 27 6.05 -7.61 16.06
C CYS C 27 7.39 -6.81 16.14
N ASP C 28 8.32 -7.25 16.99
CA ASP C 28 9.55 -6.49 17.29
C ASP C 28 10.74 -6.84 16.36
N ARG C 29 10.49 -7.60 15.30
CA ARG C 29 11.55 -8.14 14.48
C ARG C 29 11.86 -7.19 13.34
N GLY C 30 13.09 -7.24 12.85
CA GLY C 30 13.50 -6.36 11.78
C GLY C 30 14.26 -7.07 10.70
N CYS C 31 14.63 -6.29 9.69
CA CYS C 31 15.43 -6.78 8.58
C CYS C 31 16.00 -5.61 7.78
N HIS C 32 17.32 -5.62 7.55
CA HIS C 32 17.95 -4.64 6.66
C HIS C 32 17.36 -4.78 5.25
N ILE C 33 17.04 -3.67 4.60
CA ILE C 33 16.53 -3.74 3.21
C ILE C 33 17.51 -4.44 2.26
N TYR C 34 18.78 -4.34 2.59
CA TYR C 34 19.84 -4.91 1.79
C TYR C 34 20.12 -6.40 2.08
N CYS C 35 19.70 -6.87 3.25
CA CYS C 35 19.69 -8.30 3.57
C CYS C 35 18.42 -9.04 3.08
N HIS C 36 17.36 -8.30 2.84
CA HIS C 36 16.11 -8.89 2.44
C HIS C 36 16.27 -9.54 1.05
N ARG C 37 15.65 -10.69 0.85
CA ARG C 37 15.52 -11.33 -0.47
C ARG C 37 14.03 -11.64 -0.66
N PRO C 38 13.40 -11.07 -1.71
CA PRO C 38 14.06 -10.18 -2.70
C PRO C 38 14.56 -8.83 -2.17
N LYS C 39 15.53 -8.30 -2.89
CA LYS C 39 16.17 -7.04 -2.59
C LYS C 39 15.18 -5.85 -2.61
N MET C 40 15.31 -4.96 -1.62
CA MET C 40 14.61 -3.66 -1.64
C MET C 40 15.58 -2.51 -1.80
N GLU C 41 15.26 -1.59 -2.70
CA GLU C 41 16.09 -0.41 -2.94
C GLU C 41 15.91 0.67 -1.88
N ALA C 42 14.80 0.61 -1.15
CA ALA C 42 14.50 1.60 -0.12
C ALA C 42 13.51 1.06 0.90
N VAL C 43 13.45 1.74 2.04
CA VAL C 43 12.49 1.44 3.10
C VAL C 43 11.12 1.84 2.52
N PRO C 44 10.17 0.90 2.44
CA PRO C 44 8.87 1.25 1.90
C PRO C 44 8.11 2.18 2.83
N GLU C 45 7.25 3.02 2.25
CA GLU C 45 6.37 3.87 3.04
C GLU C 45 5.41 3.04 3.89
N GLY C 46 4.75 2.06 3.29
CA GLY C 46 3.72 1.30 4.00
C GLY C 46 4.20 0.26 5.01
N ASP C 47 3.29 -0.68 5.31
CA ASP C 47 3.54 -1.75 6.28
C ASP C 47 4.39 -2.82 5.68
N TRP C 48 5.40 -3.25 6.42
CA TRP C 48 6.16 -4.44 6.09
C TRP C 48 5.93 -5.45 7.19
N PHE C 49 5.82 -6.73 6.79
CA PHE C 49 5.65 -7.84 7.70
C PHE C 49 6.78 -8.87 7.56
N CYS C 50 7.30 -9.34 8.69
CA CYS C 50 8.27 -10.42 8.68
C CYS C 50 7.55 -11.72 8.35
N THR C 51 8.34 -12.75 8.08
CA THR C 51 7.81 -14.03 7.64
C THR C 51 7.12 -14.78 8.80
N VAL C 52 7.45 -14.43 10.03
CA VAL C 52 6.74 -15.00 11.17
C VAL C 52 5.32 -14.46 11.21
N CYS C 53 5.16 -13.17 11.02
CA CYS C 53 3.84 -12.55 11.03
C CYS C 53 3.01 -13.03 9.85
N LEU C 54 3.65 -13.11 8.69
CA LEU C 54 3.05 -13.67 7.49
C LEU C 54 2.53 -15.09 7.67
N ALA C 55 3.24 -15.91 8.44
CA ALA C 55 2.82 -17.30 8.66
C ALA C 55 1.58 -17.45 9.56
N GLN C 56 0.98 -16.34 9.99
CA GLN C 56 -0.28 -16.36 10.72
C GLN C 56 -1.48 -15.83 9.93
N GLN C 57 -1.30 -14.71 9.22
CA GLN C 57 -2.39 -13.90 8.58
C GLN C 57 -3.58 -14.65 7.97
N ASN D 5 -4.87 -4.89 -15.01
CA ASN D 5 -5.73 -4.44 -13.88
C ASN D 5 -5.58 -5.33 -12.64
N LYS D 6 -4.37 -5.34 -12.08
CA LYS D 6 -4.09 -6.01 -10.80
C LYS D 6 -4.08 -4.99 -9.64
N VAL D 7 -5.08 -4.10 -9.63
CA VAL D 7 -5.10 -2.94 -8.75
C VAL D 7 -5.55 -3.32 -7.34
N THR D 8 -4.83 -2.78 -6.35
CA THR D 8 -5.19 -2.94 -4.95
C THR D 8 -5.45 -1.58 -4.32
N CYS D 9 -6.11 -1.59 -3.18
CA CYS D 9 -6.57 -0.38 -2.53
C CYS D 9 -5.53 0.13 -1.55
N LEU D 10 -5.29 1.43 -1.56
CA LEU D 10 -4.22 2.02 -0.77
C LEU D 10 -4.47 1.92 0.71
N VAL D 11 -5.73 1.89 1.10
CA VAL D 11 -6.11 1.85 2.50
C VAL D 11 -6.01 0.41 3.06
N CYS D 12 -6.82 -0.49 2.49
CA CYS D 12 -7.00 -1.85 3.03
C CYS D 12 -6.16 -2.92 2.34
N ARG D 13 -5.49 -2.56 1.24
CA ARG D 13 -4.56 -3.46 0.55
C ARG D 13 -5.22 -4.64 -0.20
N LYS D 14 -6.54 -4.69 -0.27
CA LYS D 14 -7.22 -5.77 -0.99
C LYS D 14 -7.67 -5.24 -2.34
N GLY D 15 -7.76 -6.15 -3.33
CA GLY D 15 -8.16 -5.83 -4.71
C GLY D 15 -9.57 -6.28 -5.13
N ASP D 16 -10.40 -6.62 -4.14
CA ASP D 16 -11.76 -7.12 -4.38
C ASP D 16 -12.76 -5.99 -4.58
N ASN D 17 -13.95 -6.35 -5.04
CA ASN D 17 -15.06 -5.40 -5.24
C ASN D 17 -14.70 -4.26 -6.16
N ASP D 18 -14.33 -4.62 -7.37
CA ASP D 18 -13.73 -3.67 -8.28
C ASP D 18 -14.72 -2.69 -8.95
N GLU D 19 -16.02 -2.98 -8.84
CA GLU D 19 -17.09 -1.99 -9.03
C GLU D 19 -17.02 -0.84 -7.98
N PHE D 20 -16.34 -1.06 -6.84
CA PHE D 20 -16.12 -0.03 -5.80
C PHE D 20 -14.70 0.53 -5.68
N LEU D 21 -13.77 0.06 -6.51
CA LEU D 21 -12.35 0.38 -6.40
C LEU D 21 -11.98 1.46 -7.45
N LEU D 22 -11.76 2.69 -6.98
CA LEU D 22 -11.34 3.80 -7.85
C LEU D 22 -9.90 3.61 -8.32
N LEU D 23 -9.65 3.98 -9.56
CA LEU D 23 -8.29 4.12 -10.09
C LEU D 23 -7.96 5.61 -10.02
N CYS D 24 -6.75 5.92 -9.56
CA CYS D 24 -6.24 7.29 -9.61
C CYS D 24 -6.09 7.76 -11.07
N ASP D 25 -6.49 9.02 -11.33
CA ASP D 25 -6.40 9.62 -12.65
C ASP D 25 -4.97 10.06 -13.01
N GLY D 26 -4.05 9.99 -12.06
CA GLY D 26 -2.64 10.30 -12.28
C GLY D 26 -1.63 9.16 -12.15
N CYS D 27 -2.06 8.00 -11.65
CA CYS D 27 -1.14 6.86 -11.51
C CYS D 27 -1.88 5.54 -11.47
N ASP D 28 -1.15 4.45 -11.30
CA ASP D 28 -1.79 3.12 -11.33
C ASP D 28 -2.31 2.60 -9.95
N ARG D 29 -2.64 3.53 -9.04
CA ARG D 29 -3.04 3.21 -7.67
C ARG D 29 -4.54 3.37 -7.48
N GLY D 30 -5.06 2.82 -6.38
CA GLY D 30 -6.47 2.74 -6.21
C GLY D 30 -6.94 2.87 -4.80
N CYS D 31 -8.25 2.99 -4.66
CA CYS D 31 -8.86 3.11 -3.35
C CYS D 31 -10.34 2.79 -3.39
N HIS D 32 -10.81 1.92 -2.48
CA HIS D 32 -12.24 1.67 -2.38
C HIS D 32 -12.96 2.94 -1.95
N ILE D 33 -14.09 3.23 -2.58
CA ILE D 33 -14.91 4.37 -2.20
C ILE D 33 -15.36 4.24 -0.74
N TYR D 34 -15.57 3.01 -0.30
CA TYR D 34 -15.87 2.74 1.11
C TYR D 34 -14.68 2.84 2.08
N CYS D 35 -13.46 2.80 1.56
CA CYS D 35 -12.25 2.99 2.39
C CYS D 35 -11.79 4.46 2.55
N HIS D 36 -12.27 5.33 1.67
CA HIS D 36 -11.74 6.69 1.59
C HIS D 36 -12.24 7.50 2.78
N ARG D 37 -11.35 8.28 3.37
CA ARG D 37 -11.71 9.29 4.37
C ARG D 37 -11.04 10.58 3.89
N PRO D 38 -11.82 11.64 3.61
CA PRO D 38 -13.26 11.72 3.84
C PRO D 38 -14.10 10.75 3.01
N LYS D 39 -15.33 10.54 3.46
CA LYS D 39 -16.18 9.48 2.95
C LYS D 39 -16.84 9.78 1.63
N MET D 40 -16.82 8.78 0.75
CA MET D 40 -17.57 8.82 -0.49
C MET D 40 -18.78 7.91 -0.39
N GLU D 41 -19.92 8.42 -0.85
CA GLU D 41 -21.16 7.64 -0.90
C GLU D 41 -21.30 6.86 -2.22
N ALA D 42 -20.64 7.32 -3.28
CA ALA D 42 -20.67 6.68 -4.60
C ALA D 42 -19.43 7.06 -5.40
N VAL D 43 -19.28 6.48 -6.59
CA VAL D 43 -18.13 6.79 -7.45
C VAL D 43 -18.30 8.22 -7.97
N PRO D 44 -17.24 9.05 -7.91
CA PRO D 44 -17.39 10.38 -8.49
C PRO D 44 -17.40 10.39 -10.02
N GLU D 45 -18.13 11.34 -10.61
CA GLU D 45 -17.93 11.73 -12.02
C GLU D 45 -16.63 12.55 -12.13
N GLY D 46 -16.42 13.45 -11.15
CA GLY D 46 -15.20 14.24 -11.07
C GLY D 46 -13.95 13.36 -11.01
N ASP D 47 -12.82 13.94 -11.38
CA ASP D 47 -11.57 13.22 -11.36
C ASP D 47 -11.12 13.03 -9.94
N TRP D 48 -10.55 11.87 -9.67
CA TRP D 48 -10.05 11.53 -8.35
C TRP D 48 -8.55 11.23 -8.37
N PHE D 49 -7.85 11.81 -7.39
CA PHE D 49 -6.40 11.66 -7.25
C PHE D 49 -6.04 11.07 -5.90
N CYS D 50 -5.13 10.09 -5.91
CA CYS D 50 -4.58 9.52 -4.69
C CYS D 50 -3.62 10.52 -4.04
N THR D 51 -3.25 10.24 -2.80
CA THR D 51 -2.40 11.12 -2.02
C THR D 51 -0.95 11.23 -2.55
N VAL D 52 -0.43 10.20 -3.20
CA VAL D 52 0.87 10.30 -3.87
C VAL D 52 0.83 11.37 -4.96
N CYS D 53 -0.25 11.40 -5.73
CA CYS D 53 -0.45 12.39 -6.79
C CYS D 53 -0.73 13.78 -6.27
N LEU D 54 -1.56 13.87 -5.23
CA LEU D 54 -1.77 15.15 -4.55
C LEU D 54 -0.46 15.79 -4.07
N ALA D 55 0.45 14.96 -3.55
CA ALA D 55 1.77 15.45 -3.15
C ALA D 55 2.72 15.85 -4.30
N GLN D 56 2.42 15.47 -5.55
CA GLN D 56 3.14 15.95 -6.74
C GLN D 56 2.67 17.33 -7.22
N GLN D 57 1.50 17.78 -6.77
CA GLN D 57 0.91 19.05 -7.25
C GLN D 57 1.71 20.30 -6.87
N VAL D 58 1.55 21.34 -7.67
CA VAL D 58 2.00 22.69 -7.32
C VAL D 58 0.87 23.70 -7.63
N ALA E 1 -14.64 9.77 -12.50
CA ALA E 1 -13.70 8.76 -11.94
C ALA E 1 -13.93 7.38 -12.57
N ARG E 2 -12.85 6.70 -12.96
CA ARG E 2 -12.92 5.37 -13.57
C ARG E 2 -12.64 4.31 -12.51
N THR E 3 -13.54 3.34 -12.37
CA THR E 3 -13.31 2.19 -11.49
C THR E 3 -12.52 1.12 -12.23
N LYS E 4 -12.09 0.10 -11.49
CA LYS E 4 -11.41 -1.06 -12.07
C LYS E 4 -12.34 -1.91 -12.96
N GLN E 5 -13.65 -1.89 -12.68
CA GLN E 5 -14.65 -2.52 -13.55
C GLN E 5 -14.63 -1.86 -14.94
N THR E 6 -14.55 -0.53 -14.99
CA THR E 6 -14.42 0.20 -16.26
C THR E 6 -13.15 -0.21 -17.02
N ALA E 7 -11.98 0.12 -16.47
CA ALA E 7 -10.70 -0.14 -17.13
C ALA E 7 -10.21 -1.54 -16.75
N ALA F 1 -2.09 -16.75 0.20
CA ALA F 1 -1.26 -16.60 -1.03
C ALA F 1 -1.27 -17.89 -1.86
N ARG F 2 -1.35 -17.72 -3.17
CA ARG F 2 -1.40 -18.84 -4.11
C ARG F 2 -0.03 -19.00 -4.79
N THR F 3 0.26 -20.24 -5.21
CA THR F 3 1.52 -20.56 -5.90
C THR F 3 1.31 -20.66 -7.41
N LYS F 4 2.41 -20.83 -8.14
CA LYS F 4 2.36 -21.06 -9.60
C LYS F 4 1.64 -22.36 -9.97
N GLN F 5 1.71 -23.35 -9.09
CA GLN F 5 1.01 -24.61 -9.27
C GLN F 5 -0.50 -24.47 -9.03
N THR F 6 -0.88 -23.84 -7.90
CA THR F 6 -2.31 -23.66 -7.57
C THR F 6 -3.03 -22.68 -8.50
N ALA F 7 -2.29 -21.78 -9.15
CA ALA F 7 -2.83 -20.91 -10.20
C ALA F 7 -2.94 -21.64 -11.55
N ARG F 8 -1.94 -22.44 -11.92
CA ARG F 8 -1.98 -23.25 -13.15
C ARG F 8 -2.74 -24.57 -12.91
ZN ZN G . 14.00 -18.72 -6.61
ZN ZN H . 4.19 -7.39 -6.78
P PO4 I . 21.92 -18.08 3.25
O1 PO4 I . 21.33 -19.45 3.02
O2 PO4 I . 20.88 -17.22 3.92
O3 PO4 I . 22.34 -17.47 1.93
O4 PO4 I . 23.12 -18.21 4.17
ZN ZN J . -9.99 15.50 11.76
ZN ZN K . -15.76 20.92 -0.99
P PO4 L . -6.00 3.89 11.15
O1 PO4 L . -5.92 2.46 11.61
O2 PO4 L . -7.44 4.28 10.93
O3 PO4 L . -5.23 4.05 9.85
O4 PO4 L . -5.39 4.78 12.20
ZN ZN M . 20.94 -7.47 8.04
ZN ZN N . 6.65 -9.76 12.52
C1 GOL O . 23.17 -12.65 -5.14
O1 GOL O . 23.63 -11.33 -5.46
C2 GOL O . 22.57 -12.63 -3.74
O2 GOL O . 23.55 -12.09 -2.81
C3 GOL O . 22.11 -14.03 -3.31
O3 GOL O . 22.90 -14.52 -2.21
ZN ZN P . -10.06 -0.78 0.41
ZN ZN Q . -2.08 8.65 -7.98
#